data_2HDW
#
_entry.id   2HDW
#
_cell.length_a   46.264
_cell.length_b   136.337
_cell.length_c   48.134
_cell.angle_alpha   90.00
_cell.angle_beta   108.74
_cell.angle_gamma   90.00
#
_symmetry.space_group_name_H-M   'P 1 21 1'
#
loop_
_entity.id
_entity.type
_entity.pdbx_description
1 polymer 'Hypothetical protein PA2218'
2 water water
#
_entity_poly.entity_id   1
_entity_poly.type   'polypeptide(L)'
_entity_poly.pdbx_seq_one_letter_code
;METKHSNRARSRKGALRGAVLAGALMALVGCQTSPAATTSSNTGGTNMQLQLTQEWDKTFPLSAKVEHRKVTFANRYGIT
LAADLYLPKNRGGDRLPAIVIGGPFGAVKEQSSGLYAQTMAERGFVTLAFDPSYTGESGGQPRNVASPDINTEDFSAAVD
FISLLPEVNRERIGVIGICGWGGMALNAVAVDKRVKAVVTSTMYDMTRVMSKGYNDSVTLEQRTRTLEQLGQQRWKDAES
GTPAYQPPYNELKGGEAQFLVDYHDYYMTPRGYHPRAVNSGNAWTMTTPLSFMNMPILTYIKEISPRPILLIHGERAHSR
YFSETAYAAAAEPKELLIVPGASHVDLYDRLDRIPFDRIAGFFDEHL
;
_entity_poly.pdbx_strand_id   A,B
#
# COMPACT_ATOMS: atom_id res chain seq x y z
N ASN A 47 -2.82 19.10 -1.14
CA ASN A 47 -2.86 20.52 -1.59
C ASN A 47 -4.06 20.75 -2.49
N MET A 48 -4.94 19.75 -2.56
CA MET A 48 -6.14 19.86 -3.38
C MET A 48 -7.16 20.70 -2.62
N GLN A 49 -7.92 21.53 -3.33
CA GLN A 49 -8.93 22.35 -2.69
C GLN A 49 -10.16 21.48 -2.49
N LEU A 50 -10.60 21.37 -1.24
CA LEU A 50 -11.76 20.55 -0.91
C LEU A 50 -12.89 21.40 -0.36
N GLN A 51 -14.11 21.03 -0.72
CA GLN A 51 -15.30 21.71 -0.24
C GLN A 51 -15.72 21.04 1.05
N LEU A 52 -15.58 21.73 2.17
CA LEU A 52 -15.96 21.17 3.46
C LEU A 52 -17.22 21.85 3.98
N THR A 53 -18.17 21.05 4.48
CA THR A 53 -19.41 21.63 4.98
C THR A 53 -19.17 22.37 6.28
N GLN A 54 -19.88 23.47 6.47
CA GLN A 54 -19.76 24.27 7.68
C GLN A 54 -20.89 23.92 8.65
N GLU A 55 -21.85 23.14 8.16
CA GLU A 55 -22.97 22.73 8.99
C GLU A 55 -22.45 21.77 10.05
N TRP A 56 -22.93 21.90 11.28
CA TRP A 56 -22.49 20.98 12.33
C TRP A 56 -23.32 19.72 12.12
N ASP A 57 -22.75 18.79 11.36
CA ASP A 57 -23.43 17.53 11.06
C ASP A 57 -22.81 16.35 11.80
N LYS A 58 -22.22 16.61 12.97
CA LYS A 58 -21.63 15.55 13.77
C LYS A 58 -22.73 14.72 14.45
N THR A 59 -22.37 13.54 14.91
CA THR A 59 -23.32 12.65 15.58
C THR A 59 -23.38 12.94 17.07
N PHE A 60 -22.75 14.04 17.47
CA PHE A 60 -22.71 14.46 18.87
C PHE A 60 -22.71 15.99 18.87
N PRO A 61 -23.17 16.61 19.97
CA PRO A 61 -23.20 18.07 20.04
C PRO A 61 -21.82 18.70 20.19
N LEU A 62 -21.69 19.92 19.67
CA LEU A 62 -20.44 20.66 19.78
C LEU A 62 -20.26 21.07 21.23
N SER A 63 -19.05 20.86 21.76
CA SER A 63 -18.75 21.20 23.15
C SER A 63 -18.36 22.66 23.32
N ALA A 64 -18.93 23.31 24.32
CA ALA A 64 -18.64 24.71 24.59
C ALA A 64 -17.25 24.91 25.17
N LYS A 65 -16.63 23.81 25.60
CA LYS A 65 -15.30 23.88 26.18
C LYS A 65 -14.18 23.73 25.16
N VAL A 66 -14.52 23.62 23.89
CA VAL A 66 -13.51 23.45 22.86
C VAL A 66 -13.66 24.41 21.69
N GLU A 67 -12.57 24.65 21.00
CA GLU A 67 -12.55 25.51 19.82
C GLU A 67 -12.41 24.55 18.65
N HIS A 68 -13.32 24.65 17.69
CA HIS A 68 -13.30 23.76 16.55
C HIS A 68 -13.25 24.43 15.18
N ARG A 69 -12.57 23.77 14.25
CA ARG A 69 -12.46 24.24 12.87
C ARG A 69 -11.98 23.07 12.00
N LYS A 70 -12.32 23.11 10.71
CA LYS A 70 -11.94 22.04 9.80
C LYS A 70 -10.63 22.35 9.09
N VAL A 71 -9.83 21.33 8.86
CA VAL A 71 -8.54 21.52 8.19
C VAL A 71 -8.32 20.45 7.14
N THR A 72 -7.29 20.65 6.33
CA THR A 72 -6.93 19.70 5.28
C THR A 72 -5.41 19.57 5.25
N PHE A 73 -4.93 18.46 4.70
CA PHE A 73 -3.50 18.20 4.59
C PHE A 73 -3.31 17.00 3.67
N ALA A 74 -2.17 16.94 3.00
CA ALA A 74 -1.93 15.84 2.07
C ALA A 74 -1.06 14.71 2.65
N ASN A 75 -1.16 13.52 2.07
CA ASN A 75 -0.34 12.42 2.53
C ASN A 75 0.76 12.21 1.48
N ARG A 76 1.70 11.30 1.77
CA ARG A 76 2.83 11.06 0.86
C ARG A 76 2.43 10.54 -0.52
N TYR A 77 1.21 10.04 -0.64
CA TYR A 77 0.78 9.50 -1.92
C TYR A 77 0.01 10.50 -2.77
N GLY A 78 0.01 11.76 -2.30
CA GLY A 78 -0.65 12.83 -3.03
C GLY A 78 -2.13 13.06 -2.78
N ILE A 79 -2.70 12.42 -1.77
CA ILE A 79 -4.11 12.59 -1.48
C ILE A 79 -4.30 13.61 -0.36
N THR A 80 -5.22 14.54 -0.56
CA THR A 80 -5.52 15.56 0.44
C THR A 80 -6.67 15.08 1.31
N LEU A 81 -6.45 15.07 2.62
CA LEU A 81 -7.46 14.61 3.57
C LEU A 81 -8.16 15.75 4.30
N ALA A 82 -9.40 15.51 4.71
CA ALA A 82 -10.17 16.49 5.45
C ALA A 82 -10.23 16.02 6.90
N ALA A 83 -10.26 16.96 7.84
CA ALA A 83 -10.31 16.61 9.25
C ALA A 83 -10.88 17.70 10.13
N ASP A 84 -11.26 17.32 11.34
CA ASP A 84 -11.81 18.25 12.32
C ASP A 84 -10.72 18.36 13.39
N LEU A 85 -10.37 19.59 13.72
CA LEU A 85 -9.36 19.88 14.72
C LEU A 85 -10.03 20.48 15.95
N TYR A 86 -9.74 19.93 17.13
CA TYR A 86 -10.31 20.41 18.38
C TYR A 86 -9.19 20.82 19.34
N LEU A 87 -9.34 22.00 19.93
CA LEU A 87 -8.34 22.50 20.89
C LEU A 87 -9.00 22.99 22.16
N PRO A 88 -8.31 22.85 23.30
CA PRO A 88 -8.84 23.31 24.59
C PRO A 88 -8.87 24.84 24.56
N LYS A 89 -9.81 25.45 25.27
CA LYS A 89 -9.92 26.91 25.34
C LYS A 89 -9.08 27.45 26.51
N ASN A 90 -8.81 28.75 26.50
CA ASN A 90 -8.04 29.39 27.57
C ASN A 90 -6.77 28.59 27.88
N ARG A 91 -5.94 28.43 26.87
CA ARG A 91 -4.70 27.68 27.00
C ARG A 91 -3.59 28.46 27.70
N GLY A 92 -2.77 27.73 28.45
CA GLY A 92 -1.66 28.34 29.17
C GLY A 92 -0.52 28.70 28.23
N GLY A 93 0.67 28.87 28.80
CA GLY A 93 1.83 29.26 28.00
C GLY A 93 2.59 28.17 27.26
N ASP A 94 2.55 26.94 27.76
CA ASP A 94 3.28 25.84 27.12
C ASP A 94 2.51 25.18 25.98
N ARG A 95 3.24 24.68 24.99
CA ARG A 95 2.62 23.99 23.87
C ARG A 95 2.00 22.71 24.40
N LEU A 96 0.89 22.30 23.81
CA LEU A 96 0.14 21.14 24.25
C LEU A 96 0.42 19.80 23.59
N PRO A 97 0.15 18.70 24.31
CA PRO A 97 0.36 17.35 23.78
C PRO A 97 -0.77 17.21 22.76
N ALA A 98 -0.63 16.31 21.79
CA ALA A 98 -1.67 16.15 20.78
C ALA A 98 -1.97 14.68 20.50
N ILE A 99 -3.19 14.42 20.02
CA ILE A 99 -3.63 13.06 19.70
C ILE A 99 -4.33 13.00 18.35
N VAL A 100 -3.93 12.06 17.50
CA VAL A 100 -4.58 11.89 16.21
C VAL A 100 -5.49 10.67 16.35
N ILE A 101 -6.75 10.84 15.98
CA ILE A 101 -7.72 9.77 16.09
C ILE A 101 -8.35 9.35 14.77
N GLY A 102 -8.34 8.05 14.50
CA GLY A 102 -8.92 7.52 13.28
C GLY A 102 -9.76 6.29 13.57
N GLY A 103 -10.72 6.03 12.69
CA GLY A 103 -11.59 4.86 12.86
C GLY A 103 -13.01 5.26 13.21
N PRO A 104 -13.99 4.35 13.08
CA PRO A 104 -13.84 2.97 12.60
C PRO A 104 -13.52 2.89 11.11
N PHE A 105 -13.17 1.69 10.65
CA PHE A 105 -12.87 1.47 9.24
C PHE A 105 -14.21 1.53 8.49
N GLY A 106 -14.36 2.53 7.62
CA GLY A 106 -15.60 2.66 6.87
C GLY A 106 -16.51 3.69 7.53
N ALA A 107 -15.95 4.40 8.51
CA ALA A 107 -16.69 5.44 9.21
C ALA A 107 -16.03 6.78 8.90
N VAL A 108 -16.74 7.87 9.17
CA VAL A 108 -16.19 9.20 8.93
C VAL A 108 -15.98 9.95 10.24
N LYS A 109 -15.23 11.04 10.17
CA LYS A 109 -14.92 11.85 11.34
C LYS A 109 -16.11 12.37 12.13
N GLU A 110 -17.28 12.47 11.50
CA GLU A 110 -18.45 12.97 12.21
C GLU A 110 -19.03 11.92 13.16
N GLN A 111 -18.53 10.69 13.05
CA GLN A 111 -19.01 9.61 13.90
C GLN A 111 -18.10 9.42 15.12
N SER A 112 -17.82 8.18 15.48
CA SER A 112 -17.01 7.88 16.67
C SER A 112 -15.68 8.60 16.85
N SER A 113 -14.84 8.68 15.83
CA SER A 113 -13.55 9.35 15.97
C SER A 113 -13.74 10.80 16.41
N GLY A 114 -14.75 11.46 15.87
CA GLY A 114 -15.03 12.83 16.24
C GLY A 114 -15.41 12.94 17.70
N LEU A 115 -16.26 12.03 18.16
CA LEU A 115 -16.68 12.03 19.56
C LEU A 115 -15.47 11.86 20.46
N TYR A 116 -14.57 10.95 20.08
CA TYR A 116 -13.35 10.73 20.85
C TYR A 116 -12.47 11.98 20.87
N ALA A 117 -12.26 12.56 19.69
CA ALA A 117 -11.43 13.77 19.57
C ALA A 117 -11.94 14.94 20.40
N GLN A 118 -13.23 15.21 20.35
CA GLN A 118 -13.78 16.32 21.12
C GLN A 118 -13.66 16.05 22.61
N THR A 119 -13.95 14.81 23.01
CA THR A 119 -13.90 14.42 24.42
C THR A 119 -12.48 14.55 24.96
N MET A 120 -11.50 14.11 24.18
CA MET A 120 -10.13 14.20 24.64
C MET A 120 -9.64 15.64 24.64
N ALA A 121 -10.23 16.46 23.76
CA ALA A 121 -9.87 17.88 23.72
C ALA A 121 -10.38 18.54 25.01
N GLU A 122 -11.47 18.02 25.55
CA GLU A 122 -12.00 18.56 26.80
C GLU A 122 -11.08 18.12 27.93
N ARG A 123 -10.29 17.07 27.66
CA ARG A 123 -9.36 16.54 28.64
C ARG A 123 -8.00 17.21 28.57
N GLY A 124 -7.90 18.29 27.80
CA GLY A 124 -6.63 19.02 27.72
C GLY A 124 -5.71 18.73 26.54
N PHE A 125 -6.14 17.92 25.58
CA PHE A 125 -5.29 17.60 24.44
C PHE A 125 -5.77 18.32 23.17
N VAL A 126 -4.84 18.56 22.26
CA VAL A 126 -5.19 19.16 20.98
C VAL A 126 -5.50 17.89 20.19
N THR A 127 -6.66 17.82 19.52
CA THR A 127 -7.01 16.61 18.80
C THR A 127 -7.45 16.80 17.35
N LEU A 128 -7.39 15.70 16.61
CA LEU A 128 -7.75 15.73 15.20
C LEU A 128 -8.42 14.41 14.78
N ALA A 129 -9.60 14.51 14.16
CA ALA A 129 -10.33 13.35 13.65
C ALA A 129 -10.34 13.58 12.14
N PHE A 130 -9.85 12.60 11.38
CA PHE A 130 -9.76 12.75 9.94
C PHE A 130 -10.51 11.71 9.11
N ASP A 131 -10.80 12.08 7.87
CA ASP A 131 -11.46 11.17 6.95
C ASP A 131 -10.35 10.50 6.13
N PRO A 132 -10.33 9.16 6.14
CA PRO A 132 -9.31 8.40 5.39
C PRO A 132 -9.37 8.73 3.90
N SER A 133 -8.25 8.48 3.21
CA SER A 133 -8.16 8.72 1.77
C SER A 133 -9.36 8.11 1.03
N TYR A 134 -9.85 8.80 0.01
CA TYR A 134 -10.96 8.35 -0.81
C TYR A 134 -12.33 8.33 -0.12
N THR A 135 -12.41 8.74 1.14
CA THR A 135 -13.68 8.73 1.87
C THR A 135 -14.05 10.04 2.54
N GLY A 136 -15.29 10.13 3.02
CA GLY A 136 -15.76 11.33 3.68
C GLY A 136 -15.60 12.58 2.83
N GLU A 137 -15.00 13.62 3.40
CA GLU A 137 -14.78 14.86 2.68
C GLU A 137 -13.38 14.90 2.06
N SER A 138 -12.58 13.87 2.33
CA SER A 138 -11.23 13.82 1.78
C SER A 138 -11.26 13.62 0.26
N GLY A 139 -10.14 13.90 -0.38
CA GLY A 139 -10.05 13.73 -1.82
C GLY A 139 -9.72 12.30 -2.18
N GLY A 140 -9.53 12.05 -3.47
CA GLY A 140 -9.21 10.71 -3.91
C GLY A 140 -10.31 10.11 -4.76
N GLN A 141 -9.91 9.41 -5.82
CA GLN A 141 -10.87 8.77 -6.70
C GLN A 141 -10.24 7.50 -7.23
N PRO A 142 -11.03 6.43 -7.44
CA PRO A 142 -12.48 6.34 -7.22
C PRO A 142 -12.82 6.54 -5.75
N ARG A 143 -14.05 6.96 -5.49
CA ARG A 143 -14.48 7.15 -4.12
C ARG A 143 -14.62 5.80 -3.42
N ASN A 144 -14.40 5.82 -2.11
CA ASN A 144 -14.54 4.62 -1.29
C ASN A 144 -13.74 3.39 -1.66
N VAL A 145 -12.43 3.57 -1.80
CA VAL A 145 -11.53 2.45 -2.05
C VAL A 145 -10.59 2.53 -0.85
N ALA A 146 -10.01 1.41 -0.46
CA ALA A 146 -9.11 1.41 0.70
C ALA A 146 -7.86 0.57 0.47
N SER A 147 -6.89 0.71 1.36
CA SER A 147 -5.62 -0.02 1.25
C SER A 147 -4.91 0.01 2.60
N PRO A 148 -4.34 -1.12 3.04
CA PRO A 148 -3.66 -1.09 4.35
C PRO A 148 -2.45 -0.18 4.31
N ASP A 149 -1.82 -0.07 3.16
CA ASP A 149 -0.64 0.77 2.98
C ASP A 149 -1.03 2.25 3.03
N ILE A 150 -1.92 2.65 2.12
CA ILE A 150 -2.36 4.03 2.05
C ILE A 150 -3.03 4.50 3.34
N ASN A 151 -3.82 3.63 3.96
CA ASN A 151 -4.50 4.01 5.19
C ASN A 151 -3.51 4.14 6.34
N THR A 152 -2.48 3.29 6.36
CA THR A 152 -1.48 3.41 7.41
C THR A 152 -0.82 4.78 7.20
N GLU A 153 -0.56 5.13 5.96
CA GLU A 153 0.04 6.43 5.63
C GLU A 153 -0.85 7.60 6.08
N ASP A 154 -2.16 7.46 5.94
CA ASP A 154 -3.10 8.51 6.35
C ASP A 154 -2.86 8.94 7.78
N PHE A 155 -2.60 7.97 8.65
CA PHE A 155 -2.37 8.27 10.06
C PHE A 155 -1.14 9.16 10.25
N SER A 156 -0.06 8.84 9.54
CA SER A 156 1.15 9.62 9.65
C SER A 156 1.02 10.97 8.93
N ALA A 157 0.13 11.05 7.96
CA ALA A 157 -0.11 12.29 7.26
C ALA A 157 -0.81 13.23 8.24
N ALA A 158 -1.65 12.65 9.09
CA ALA A 158 -2.39 13.41 10.10
C ALA A 158 -1.41 13.89 11.17
N VAL A 159 -0.45 13.05 11.53
CA VAL A 159 0.55 13.43 12.52
C VAL A 159 1.39 14.57 11.93
N ASP A 160 1.65 14.50 10.62
CA ASP A 160 2.41 15.55 9.94
C ASP A 160 1.76 16.92 10.18
N PHE A 161 0.44 16.97 10.03
CA PHE A 161 -0.28 18.23 10.20
C PHE A 161 -0.38 18.72 11.63
N ILE A 162 -0.88 17.86 12.51
CA ILE A 162 -1.04 18.22 13.91
C ILE A 162 0.29 18.69 14.51
N SER A 163 1.39 18.12 14.02
CA SER A 163 2.74 18.44 14.49
C SER A 163 3.20 19.86 14.26
N LEU A 164 2.78 20.45 13.14
CA LEU A 164 3.20 21.80 12.80
C LEU A 164 2.34 22.92 13.41
N LEU A 165 1.27 22.55 14.10
CA LEU A 165 0.39 23.53 14.73
C LEU A 165 1.13 24.33 15.79
N PRO A 166 0.94 25.66 15.80
CA PRO A 166 1.62 26.49 16.80
C PRO A 166 1.21 26.15 18.24
N GLU A 167 0.04 25.56 18.41
CA GLU A 167 -0.44 25.22 19.74
C GLU A 167 0.05 23.87 20.25
N VAL A 168 0.72 23.11 19.40
CA VAL A 168 1.18 21.79 19.80
C VAL A 168 2.69 21.60 19.91
N ASN A 169 3.07 20.65 20.74
CA ASN A 169 4.47 20.28 20.94
C ASN A 169 4.65 19.00 20.13
N ARG A 170 5.28 19.11 18.96
CA ARG A 170 5.49 17.94 18.09
C ARG A 170 6.13 16.72 18.75
N GLU A 171 6.76 16.91 19.91
CA GLU A 171 7.39 15.81 20.63
C GLU A 171 6.42 15.10 21.59
N ARG A 172 5.18 15.60 21.67
CA ARG A 172 4.18 15.02 22.57
C ARG A 172 2.94 14.57 21.80
N ILE A 173 3.14 13.68 20.83
CA ILE A 173 2.04 13.19 20.00
C ILE A 173 1.72 11.72 20.22
N GLY A 174 0.43 11.43 20.33
CA GLY A 174 -0.04 10.07 20.50
C GLY A 174 -1.14 9.82 19.48
N VAL A 175 -1.58 8.58 19.37
CA VAL A 175 -2.67 8.27 18.45
C VAL A 175 -3.64 7.27 19.05
N ILE A 176 -4.90 7.35 18.60
CA ILE A 176 -5.92 6.41 19.05
C ILE A 176 -6.53 5.76 17.80
N GLY A 177 -6.51 4.43 17.75
CA GLY A 177 -7.08 3.72 16.62
C GLY A 177 -8.32 2.99 17.05
N ILE A 178 -9.46 3.33 16.45
CA ILE A 178 -10.74 2.72 16.79
C ILE A 178 -11.18 1.67 15.76
N CYS A 179 -11.71 0.57 16.25
CA CYS A 179 -12.21 -0.48 15.36
C CYS A 179 -11.13 -0.89 14.35
N GLY A 180 -11.48 -0.89 13.07
CA GLY A 180 -10.53 -1.26 12.03
C GLY A 180 -9.26 -0.43 12.01
N TRP A 181 -9.34 0.82 12.46
CA TRP A 181 -8.15 1.65 12.46
C TRP A 181 -7.25 1.41 13.68
N GLY A 182 -7.70 0.51 14.55
CA GLY A 182 -6.88 0.16 15.70
C GLY A 182 -5.69 -0.59 15.12
N GLY A 183 -5.96 -1.42 14.11
CA GLY A 183 -4.88 -2.16 13.47
C GLY A 183 -3.97 -1.23 12.70
N MET A 184 -4.55 -0.25 12.02
CA MET A 184 -3.77 0.71 11.25
C MET A 184 -2.92 1.60 12.18
N ALA A 185 -3.45 1.92 13.36
CA ALA A 185 -2.72 2.75 14.30
C ALA A 185 -1.46 2.04 14.77
N LEU A 186 -1.58 0.78 15.15
CA LEU A 186 -0.42 0.00 15.60
C LEU A 186 0.57 -0.13 14.46
N ASN A 187 0.06 -0.30 13.25
CA ASN A 187 0.90 -0.45 12.07
C ASN A 187 1.70 0.83 11.83
N ALA A 188 1.04 1.98 11.96
CA ALA A 188 1.69 3.28 11.76
C ALA A 188 2.75 3.57 12.81
N VAL A 189 2.42 3.34 14.08
CA VAL A 189 3.35 3.61 15.17
C VAL A 189 4.65 2.80 15.11
N ALA A 190 4.57 1.59 14.60
CA ALA A 190 5.75 0.73 14.49
C ALA A 190 6.87 1.41 13.72
N VAL A 191 6.55 2.08 12.62
CA VAL A 191 7.58 2.73 11.83
C VAL A 191 7.68 4.25 11.97
N ASP A 192 6.61 4.91 12.43
CA ASP A 192 6.64 6.36 12.63
C ASP A 192 7.11 6.61 14.07
N LYS A 193 8.42 6.80 14.23
CA LYS A 193 9.01 7.01 15.54
C LYS A 193 8.61 8.31 16.25
N ARG A 194 7.92 9.20 15.55
CA ARG A 194 7.48 10.45 16.16
C ARG A 194 6.33 10.20 17.15
N VAL A 195 5.50 9.19 16.88
CA VAL A 195 4.37 8.88 17.75
C VAL A 195 4.87 8.22 19.03
N LYS A 196 4.63 8.90 20.16
CA LYS A 196 5.11 8.46 21.47
C LYS A 196 4.35 7.35 22.20
N ALA A 197 3.06 7.23 21.94
CA ALA A 197 2.25 6.21 22.60
C ALA A 197 1.03 5.93 21.73
N VAL A 198 0.42 4.77 21.92
CA VAL A 198 -0.74 4.39 21.13
C VAL A 198 -1.77 3.59 21.92
N VAL A 199 -3.04 3.93 21.69
CA VAL A 199 -4.18 3.27 22.31
C VAL A 199 -5.07 2.76 21.18
N THR A 200 -5.62 1.56 21.34
CA THR A 200 -6.55 1.04 20.33
C THR A 200 -7.84 0.77 21.06
N SER A 201 -8.97 0.98 20.40
CA SER A 201 -10.26 0.75 21.03
C SER A 201 -11.09 -0.22 20.20
N THR A 202 -11.51 -1.33 20.82
CA THR A 202 -12.31 -2.36 20.15
C THR A 202 -11.84 -2.57 18.71
N MET A 203 -10.54 -2.83 18.57
CA MET A 203 -9.89 -2.99 17.28
C MET A 203 -10.19 -4.23 16.45
N TYR A 204 -9.88 -4.11 15.17
CA TYR A 204 -9.99 -5.15 14.17
C TYR A 204 -8.63 -5.05 13.46
N ASP A 205 -8.16 -6.13 12.89
CA ASP A 205 -6.95 -6.10 12.07
C ASP A 205 -7.66 -6.33 10.74
N MET A 206 -7.88 -5.28 9.96
CA MET A 206 -8.60 -5.46 8.70
C MET A 206 -8.00 -6.43 7.68
N THR A 207 -6.68 -6.63 7.69
CA THR A 207 -6.10 -7.56 6.73
C THR A 207 -6.45 -8.99 7.16
N ARG A 208 -6.47 -9.21 8.47
CA ARG A 208 -6.80 -10.53 8.99
C ARG A 208 -8.27 -10.85 8.72
N VAL A 209 -9.18 -9.92 9.01
CA VAL A 209 -10.59 -10.19 8.82
C VAL A 209 -10.96 -10.41 7.35
N MET A 210 -10.33 -9.67 6.44
CA MET A 210 -10.64 -9.84 5.02
C MET A 210 -9.99 -11.10 4.44
N SER A 211 -8.88 -11.51 5.04
CA SER A 211 -8.18 -12.70 4.57
C SER A 211 -8.71 -14.00 5.17
N LYS A 212 -9.02 -13.98 6.46
CA LYS A 212 -9.52 -15.18 7.16
C LYS A 212 -10.96 -15.13 7.66
N GLY A 213 -11.65 -14.01 7.45
CA GLY A 213 -13.01 -13.90 7.94
C GLY A 213 -13.03 -13.84 9.46
N TYR A 214 -14.22 -13.90 10.05
CA TYR A 214 -14.33 -13.85 11.51
C TYR A 214 -13.93 -15.17 12.15
N ASN A 215 -12.99 -15.10 13.09
CA ASN A 215 -12.50 -16.29 13.78
C ASN A 215 -11.97 -17.35 12.80
N ASP A 216 -11.19 -16.91 11.82
CA ASP A 216 -10.60 -17.79 10.83
C ASP A 216 -11.61 -18.77 10.23
N SER A 217 -12.65 -18.25 9.59
CA SER A 217 -13.68 -19.10 9.00
C SER A 217 -13.48 -19.34 7.50
N VAL A 218 -12.49 -18.67 6.92
CA VAL A 218 -12.23 -18.83 5.49
C VAL A 218 -11.12 -19.85 5.23
N THR A 219 -11.44 -20.88 4.45
CA THR A 219 -10.45 -21.90 4.12
C THR A 219 -9.73 -21.44 2.86
N LEU A 220 -8.60 -22.06 2.55
CA LEU A 220 -7.85 -21.71 1.35
C LEU A 220 -8.75 -21.81 0.13
N GLU A 221 -9.58 -22.84 0.09
CA GLU A 221 -10.48 -23.06 -1.04
C GLU A 221 -11.44 -21.90 -1.20
N GLN A 222 -11.98 -21.43 -0.08
CA GLN A 222 -12.92 -20.32 -0.09
C GLN A 222 -12.20 -19.02 -0.42
N ARG A 223 -10.97 -18.87 0.09
CA ARG A 223 -10.17 -17.67 -0.18
C ARG A 223 -9.84 -17.61 -1.67
N THR A 224 -9.45 -18.76 -2.22
CA THR A 224 -9.10 -18.86 -3.63
C THR A 224 -10.31 -18.53 -4.49
N ARG A 225 -11.48 -19.03 -4.08
CA ARG A 225 -12.72 -18.79 -4.80
C ARG A 225 -13.00 -17.29 -4.83
N THR A 226 -12.82 -16.63 -3.68
CA THR A 226 -13.05 -15.19 -3.59
C THR A 226 -12.10 -14.41 -4.51
N LEU A 227 -10.82 -14.80 -4.50
CA LEU A 227 -9.84 -14.15 -5.34
C LEU A 227 -10.16 -14.33 -6.83
N GLU A 228 -10.60 -15.54 -7.18
CA GLU A 228 -10.95 -15.80 -8.57
C GLU A 228 -12.07 -14.87 -8.99
N GLN A 229 -13.06 -14.69 -8.11
CA GLN A 229 -14.20 -13.81 -8.38
C GLN A 229 -13.74 -12.37 -8.52
N LEU A 230 -12.81 -11.95 -7.66
CA LEU A 230 -12.31 -10.57 -7.71
C LEU A 230 -11.65 -10.34 -9.06
N GLY A 231 -10.94 -11.36 -9.56
CA GLY A 231 -10.30 -11.24 -10.86
C GLY A 231 -11.35 -10.98 -11.93
N GLN A 232 -12.47 -11.71 -11.88
CA GLN A 232 -13.54 -11.50 -12.85
C GLN A 232 -14.09 -10.07 -12.71
N GLN A 233 -14.15 -9.58 -11.49
CA GLN A 233 -14.68 -8.23 -11.26
C GLN A 233 -13.76 -7.18 -11.85
N ARG A 234 -12.45 -7.40 -11.77
CA ARG A 234 -11.50 -6.45 -12.34
C ARG A 234 -11.79 -6.29 -13.83
N TRP A 235 -12.09 -7.39 -14.52
CA TRP A 235 -12.39 -7.31 -15.94
C TRP A 235 -13.66 -6.50 -16.20
N LYS A 236 -14.72 -6.76 -15.43
CA LYS A 236 -15.96 -6.01 -15.60
C LYS A 236 -15.72 -4.52 -15.35
N ASP A 237 -14.99 -4.18 -14.30
CA ASP A 237 -14.71 -2.79 -14.00
C ASP A 237 -13.88 -2.17 -15.14
N ALA A 238 -12.91 -2.94 -15.64
CA ALA A 238 -12.06 -2.43 -16.72
C ALA A 238 -12.89 -2.20 -17.99
N GLU A 239 -13.85 -3.07 -18.26
CA GLU A 239 -14.68 -2.90 -19.45
C GLU A 239 -15.51 -1.61 -19.39
N SER A 240 -15.95 -1.22 -18.20
CA SER A 240 -16.75 0.00 -18.08
C SER A 240 -15.87 1.18 -17.71
N GLY A 241 -14.64 0.89 -17.28
CA GLY A 241 -13.71 1.95 -16.91
C GLY A 241 -13.92 2.49 -15.51
N THR A 242 -14.97 2.03 -14.83
CA THR A 242 -15.25 2.48 -13.47
C THR A 242 -15.55 1.25 -12.59
N PRO A 243 -15.05 1.26 -11.34
CA PRO A 243 -15.28 0.13 -10.45
C PRO A 243 -16.70 0.07 -9.88
N ALA A 244 -17.22 -1.15 -9.72
CA ALA A 244 -18.55 -1.34 -9.17
C ALA A 244 -18.41 -1.36 -7.64
N TYR A 245 -19.51 -1.05 -6.95
CA TYR A 245 -19.50 -1.04 -5.48
C TYR A 245 -20.21 -2.25 -4.92
N GLN A 246 -19.81 -2.66 -3.71
CA GLN A 246 -20.44 -3.80 -3.07
C GLN A 246 -21.86 -3.40 -2.67
N PRO A 247 -22.71 -4.38 -2.34
CA PRO A 247 -24.09 -4.06 -1.94
C PRO A 247 -24.08 -3.15 -0.72
N PRO A 248 -25.13 -2.33 -0.53
CA PRO A 248 -25.21 -1.41 0.62
C PRO A 248 -24.86 -2.07 1.94
N TYR A 249 -24.08 -1.37 2.75
CA TYR A 249 -23.62 -1.85 4.05
C TYR A 249 -24.60 -1.68 5.20
N ASN A 250 -24.60 -2.67 6.10
CA ASN A 250 -25.44 -2.69 7.28
C ASN A 250 -26.95 -2.63 7.10
N GLU A 251 -27.45 -3.37 6.11
CA GLU A 251 -28.88 -3.44 5.88
C GLU A 251 -29.27 -4.82 6.36
N LEU A 252 -30.23 -4.89 7.30
CA LEU A 252 -30.65 -6.17 7.85
C LEU A 252 -31.71 -6.88 7.02
N LYS A 253 -31.51 -8.17 6.80
CA LYS A 253 -32.42 -8.99 6.03
C LYS A 253 -33.10 -10.01 6.94
N GLY A 254 -32.55 -10.13 8.14
CA GLY A 254 -33.08 -11.07 9.11
C GLY A 254 -32.12 -12.23 9.26
N GLY A 255 -31.98 -12.74 10.47
CA GLY A 255 -31.09 -13.87 10.70
C GLY A 255 -29.65 -13.48 10.96
N GLU A 256 -29.36 -12.19 11.00
CA GLU A 256 -27.99 -11.73 11.25
C GLU A 256 -27.62 -11.85 12.72
N ALA A 257 -26.35 -12.13 12.98
CA ALA A 257 -25.86 -12.25 14.34
C ALA A 257 -26.04 -10.92 15.04
N GLN A 258 -26.10 -10.95 16.37
CA GLN A 258 -26.29 -9.74 17.15
C GLN A 258 -25.29 -8.62 16.87
N PHE A 259 -24.01 -8.96 16.69
CA PHE A 259 -23.03 -7.91 16.43
C PHE A 259 -23.33 -7.17 15.13
N LEU A 260 -24.03 -7.82 14.20
CA LEU A 260 -24.40 -7.17 12.94
C LEU A 260 -25.61 -6.26 13.20
N VAL A 261 -26.50 -6.71 14.07
CA VAL A 261 -27.67 -5.92 14.42
C VAL A 261 -27.17 -4.67 15.15
N ASP A 262 -26.13 -4.85 15.97
CA ASP A 262 -25.54 -3.74 16.70
C ASP A 262 -25.00 -2.70 15.73
N TYR A 263 -24.27 -3.16 14.72
CA TYR A 263 -23.70 -2.26 13.72
C TYR A 263 -24.79 -1.46 13.03
N HIS A 264 -25.88 -2.14 12.67
CA HIS A 264 -27.00 -1.47 12.03
C HIS A 264 -27.59 -0.41 12.95
N ASP A 265 -27.80 -0.77 14.21
CA ASP A 265 -28.38 0.17 15.16
C ASP A 265 -27.54 1.42 15.35
N TYR A 266 -26.26 1.32 15.05
CA TYR A 266 -25.38 2.48 15.17
C TYR A 266 -25.31 3.26 13.86
N TYR A 267 -24.91 2.56 12.80
CA TYR A 267 -24.72 3.15 11.48
C TYR A 267 -25.99 3.49 10.69
N MET A 268 -27.10 2.84 11.01
CA MET A 268 -28.32 3.10 10.22
C MET A 268 -29.53 3.62 11.00
N THR A 269 -29.26 4.33 12.09
CA THR A 269 -30.31 4.95 12.88
C THR A 269 -29.72 6.30 13.25
N PRO A 270 -30.54 7.19 13.83
CA PRO A 270 -30.03 8.50 14.22
C PRO A 270 -28.86 8.42 15.21
N ARG A 271 -28.69 7.27 15.85
CA ARG A 271 -27.61 7.10 16.82
C ARG A 271 -26.23 7.45 16.25
N GLY A 272 -25.88 6.89 15.10
CA GLY A 272 -24.58 7.17 14.53
C GLY A 272 -24.56 7.30 13.02
N TYR A 273 -25.72 7.43 12.41
CA TYR A 273 -25.80 7.54 10.96
C TYR A 273 -25.21 8.83 10.41
N HIS A 274 -24.45 8.69 9.32
CA HIS A 274 -23.92 9.85 8.61
C HIS A 274 -23.87 9.46 7.15
N PRO A 275 -24.52 10.26 6.28
CA PRO A 275 -24.59 10.02 4.84
C PRO A 275 -23.31 9.76 4.07
N ARG A 276 -22.18 10.29 4.53
CA ARG A 276 -20.93 10.08 3.81
C ARG A 276 -20.18 8.80 4.19
N ALA A 277 -20.59 8.15 5.27
CA ALA A 277 -19.90 6.94 5.72
C ALA A 277 -20.21 5.70 4.89
N VAL A 278 -19.16 4.93 4.60
CA VAL A 278 -19.28 3.69 3.86
C VAL A 278 -20.23 2.76 4.62
N ASN A 279 -20.03 2.67 5.92
CA ASN A 279 -20.85 1.79 6.75
C ASN A 279 -22.30 2.23 6.87
N SER A 280 -22.57 3.50 6.59
CA SER A 280 -23.94 3.99 6.68
C SER A 280 -24.71 3.87 5.37
N GLY A 281 -24.94 2.64 4.92
CA GLY A 281 -25.70 2.43 3.70
C GLY A 281 -24.95 2.50 2.37
N ASN A 282 -23.63 2.70 2.42
CA ASN A 282 -22.86 2.75 1.19
C ASN A 282 -21.96 1.52 1.11
N ALA A 283 -20.76 1.66 0.55
CA ALA A 283 -19.87 0.51 0.44
C ALA A 283 -18.55 0.81 -0.23
N TRP A 284 -17.61 -0.11 -0.06
CA TRP A 284 -16.31 0.02 -0.69
C TRP A 284 -16.48 -0.56 -2.09
N THR A 285 -15.50 -0.31 -2.95
CA THR A 285 -15.53 -0.85 -4.30
C THR A 285 -15.44 -2.36 -4.11
N MET A 286 -15.98 -3.12 -5.07
CA MET A 286 -15.94 -4.57 -4.98
C MET A 286 -14.51 -5.11 -4.93
N THR A 287 -13.57 -4.44 -5.57
CA THR A 287 -12.20 -4.95 -5.56
C THR A 287 -11.28 -4.44 -4.44
N THR A 288 -11.84 -3.69 -3.49
CA THR A 288 -11.03 -3.17 -2.37
C THR A 288 -10.26 -4.24 -1.60
N PRO A 289 -10.88 -5.40 -1.33
CA PRO A 289 -10.20 -6.48 -0.59
C PRO A 289 -8.86 -6.98 -1.13
N LEU A 290 -8.61 -6.82 -2.42
CA LEU A 290 -7.36 -7.32 -3.01
C LEU A 290 -6.09 -6.92 -2.27
N SER A 291 -5.99 -5.67 -1.83
CA SER A 291 -4.78 -5.24 -1.13
C SER A 291 -4.73 -5.83 0.29
N PHE A 292 -5.83 -5.73 1.02
CA PHE A 292 -5.92 -6.24 2.38
C PHE A 292 -5.67 -7.75 2.48
N MET A 293 -6.16 -8.48 1.49
CA MET A 293 -6.01 -9.93 1.47
C MET A 293 -4.58 -10.36 1.12
N ASN A 294 -3.77 -9.41 0.66
CA ASN A 294 -2.41 -9.72 0.22
C ASN A 294 -1.26 -8.99 0.93
N MET A 295 -1.58 -8.01 1.76
CA MET A 295 -0.55 -7.24 2.46
C MET A 295 -0.88 -7.07 3.95
N PRO A 296 -0.40 -7.99 4.79
CA PRO A 296 -0.69 -7.88 6.22
C PRO A 296 -0.04 -6.70 6.91
N ILE A 297 -0.69 -6.24 7.97
CA ILE A 297 -0.19 -5.14 8.78
C ILE A 297 0.31 -5.78 10.07
N LEU A 298 0.90 -4.96 10.94
CA LEU A 298 1.42 -5.39 12.25
C LEU A 298 2.66 -6.28 12.24
N THR A 299 3.33 -6.40 11.09
CA THR A 299 4.53 -7.22 11.03
C THR A 299 5.56 -6.78 12.05
N TYR A 300 5.72 -5.47 12.19
CA TYR A 300 6.72 -4.89 13.08
C TYR A 300 6.14 -4.34 14.39
N ILE A 301 5.04 -4.92 14.84
CA ILE A 301 4.38 -4.46 16.06
C ILE A 301 5.29 -4.45 17.29
N LYS A 302 6.26 -5.36 17.36
CA LYS A 302 7.17 -5.40 18.51
C LYS A 302 8.13 -4.22 18.53
N GLU A 303 8.21 -3.50 17.42
CA GLU A 303 9.10 -2.36 17.33
C GLU A 303 8.47 -1.06 17.78
N ILE A 304 7.29 -1.18 18.39
CA ILE A 304 6.62 -0.03 18.97
C ILE A 304 7.39 0.17 20.27
N SER A 305 7.73 -0.94 20.93
CA SER A 305 8.49 -0.87 22.18
C SER A 305 9.81 -0.17 21.85
N PRO A 306 10.41 0.55 22.82
CA PRO A 306 10.01 0.81 24.21
C PRO A 306 8.76 1.67 24.43
N ARG A 307 8.17 2.20 23.36
CA ARG A 307 6.96 3.02 23.51
C ARG A 307 5.80 2.11 23.96
N PRO A 308 4.88 2.64 24.79
CA PRO A 308 3.73 1.93 25.34
C PRO A 308 2.48 1.76 24.47
N ILE A 309 1.82 0.62 24.66
CA ILE A 309 0.59 0.30 23.95
C ILE A 309 -0.50 -0.06 24.96
N LEU A 310 -1.69 0.48 24.76
CA LEU A 310 -2.83 0.18 25.62
C LEU A 310 -3.97 -0.25 24.69
N LEU A 311 -4.28 -1.53 24.68
CA LEU A 311 -5.36 -2.02 23.84
C LEU A 311 -6.59 -2.15 24.73
N ILE A 312 -7.69 -1.49 24.35
CA ILE A 312 -8.93 -1.50 25.12
C ILE A 312 -10.00 -2.28 24.36
N HIS A 313 -10.75 -3.13 25.07
CA HIS A 313 -11.77 -3.92 24.40
C HIS A 313 -12.89 -4.40 25.33
N GLY A 314 -14.11 -4.40 24.81
CA GLY A 314 -15.26 -4.85 25.58
C GLY A 314 -15.21 -6.35 25.78
N GLU A 315 -15.57 -6.78 26.99
CA GLU A 315 -15.58 -8.18 27.38
C GLU A 315 -16.46 -9.06 26.48
N ARG A 316 -17.62 -8.55 26.10
CA ARG A 316 -18.57 -9.30 25.29
C ARG A 316 -18.45 -9.05 23.80
N ALA A 317 -17.45 -8.29 23.38
CA ALA A 317 -17.29 -7.99 21.96
C ALA A 317 -16.91 -9.21 21.13
N HIS A 318 -17.57 -9.38 19.99
CA HIS A 318 -17.30 -10.48 19.08
C HIS A 318 -15.88 -10.34 18.54
N SER A 319 -15.38 -9.12 18.59
CA SER A 319 -14.06 -8.79 18.07
C SER A 319 -12.95 -8.76 19.11
N ARG A 320 -13.27 -9.11 20.35
CA ARG A 320 -12.26 -9.06 21.40
C ARG A 320 -10.99 -9.83 21.05
N TYR A 321 -11.13 -10.92 20.31
CA TYR A 321 -9.97 -11.73 19.97
C TYR A 321 -8.91 -10.97 19.17
N PHE A 322 -9.31 -9.97 18.39
CA PHE A 322 -8.33 -9.20 17.61
C PHE A 322 -7.30 -8.54 18.53
N SER A 323 -7.76 -7.97 19.63
CA SER A 323 -6.87 -7.31 20.60
C SER A 323 -6.01 -8.34 21.33
N GLU A 324 -6.58 -9.53 21.54
CA GLU A 324 -5.86 -10.59 22.25
C GLU A 324 -4.70 -11.08 21.37
N THR A 325 -4.93 -11.09 20.06
CA THR A 325 -3.90 -11.51 19.11
C THR A 325 -2.82 -10.43 19.06
N ALA A 326 -3.24 -9.17 18.95
CA ALA A 326 -2.29 -8.06 18.90
C ALA A 326 -1.50 -7.96 20.19
N TYR A 327 -2.17 -8.13 21.33
CA TYR A 327 -1.50 -8.06 22.61
C TYR A 327 -0.41 -9.14 22.70
N ALA A 328 -0.74 -10.36 22.28
CA ALA A 328 0.24 -11.45 22.34
C ALA A 328 1.42 -11.20 21.41
N ALA A 329 1.14 -10.58 20.27
CA ALA A 329 2.16 -10.27 19.28
C ALA A 329 3.07 -9.12 19.70
N ALA A 330 2.53 -8.19 20.47
CA ALA A 330 3.27 -7.02 20.93
C ALA A 330 4.30 -7.31 22.02
N ALA A 331 5.12 -6.31 22.32
CA ALA A 331 6.16 -6.42 23.34
C ALA A 331 5.89 -5.39 24.42
N GLU A 332 6.43 -5.61 25.62
CA GLU A 332 6.25 -4.66 26.71
C GLU A 332 6.99 -3.37 26.32
N PRO A 333 6.50 -2.21 26.77
CA PRO A 333 5.30 -2.03 27.62
C PRO A 333 3.99 -2.16 26.86
N LYS A 334 3.12 -3.04 27.36
CA LYS A 334 1.81 -3.26 26.73
C LYS A 334 0.77 -3.61 27.79
N GLU A 335 -0.48 -3.28 27.49
CA GLU A 335 -1.57 -3.62 28.39
C GLU A 335 -2.86 -3.88 27.65
N LEU A 336 -3.53 -4.96 28.02
CA LEU A 336 -4.81 -5.29 27.43
C LEU A 336 -5.85 -4.99 28.51
N LEU A 337 -6.66 -3.98 28.27
CA LEU A 337 -7.68 -3.57 29.22
C LEU A 337 -9.06 -4.01 28.75
N ILE A 338 -9.68 -4.90 29.51
CA ILE A 338 -11.00 -5.42 29.16
C ILE A 338 -12.10 -4.68 29.93
N VAL A 339 -13.08 -4.17 29.20
CA VAL A 339 -14.19 -3.46 29.82
C VAL A 339 -15.29 -4.47 30.11
N PRO A 340 -15.55 -4.74 31.39
CA PRO A 340 -16.60 -5.72 31.74
C PRO A 340 -17.96 -5.48 31.09
N GLY A 341 -18.51 -6.55 30.53
CA GLY A 341 -19.83 -6.52 29.90
C GLY A 341 -20.06 -5.62 28.70
N ALA A 342 -19.00 -5.08 28.12
CA ALA A 342 -19.16 -4.20 26.97
C ALA A 342 -19.13 -4.93 25.63
N SER A 343 -19.96 -4.47 24.69
CA SER A 343 -20.01 -5.06 23.36
C SER A 343 -19.03 -4.29 22.49
N HIS A 344 -19.05 -4.56 21.20
CA HIS A 344 -18.16 -3.87 20.27
C HIS A 344 -18.62 -2.42 20.08
N VAL A 345 -19.86 -2.23 19.64
CA VAL A 345 -20.38 -0.89 19.41
C VAL A 345 -20.47 -0.05 20.69
N ASP A 346 -20.42 -0.70 21.86
CA ASP A 346 -20.45 0.05 23.11
C ASP A 346 -19.30 1.05 23.18
N LEU A 347 -18.13 0.65 22.67
CA LEU A 347 -16.96 1.52 22.72
C LEU A 347 -16.92 2.54 21.59
N TYR A 348 -18.03 2.67 20.87
CA TYR A 348 -18.13 3.64 19.78
C TYR A 348 -18.59 4.98 20.35
N ASP A 349 -19.66 4.94 21.15
CA ASP A 349 -20.23 6.17 21.69
C ASP A 349 -20.74 6.13 23.14
N ARG A 350 -20.61 5.00 23.83
CA ARG A 350 -21.10 4.93 25.21
C ARG A 350 -20.10 5.51 26.19
N LEU A 351 -20.40 6.69 26.72
CA LEU A 351 -19.52 7.37 27.67
C LEU A 351 -19.26 6.58 28.95
N ASP A 352 -20.22 5.77 29.34
CA ASP A 352 -20.08 4.96 30.54
C ASP A 352 -19.38 3.64 30.25
N ARG A 353 -19.02 3.42 28.98
CA ARG A 353 -18.33 2.19 28.59
C ARG A 353 -16.93 2.51 28.09
N ILE A 354 -16.77 3.68 27.47
CA ILE A 354 -15.46 4.10 26.97
C ILE A 354 -14.67 4.68 28.14
N PRO A 355 -13.51 4.07 28.46
CA PRO A 355 -12.68 4.55 29.58
C PRO A 355 -11.84 5.79 29.26
N PHE A 356 -12.50 6.93 29.12
CA PHE A 356 -11.79 8.17 28.79
C PHE A 356 -10.83 8.60 29.90
N ASP A 357 -11.19 8.38 31.16
CA ASP A 357 -10.30 8.75 32.26
C ASP A 357 -8.96 8.05 32.03
N ARG A 358 -9.02 6.74 31.81
CA ARG A 358 -7.84 5.91 31.59
C ARG A 358 -7.09 6.30 30.33
N ILE A 359 -7.82 6.65 29.28
CA ILE A 359 -7.17 7.04 28.04
C ILE A 359 -6.43 8.36 28.25
N ALA A 360 -7.08 9.32 28.91
CA ALA A 360 -6.46 10.62 29.18
C ALA A 360 -5.26 10.42 30.12
N GLY A 361 -5.46 9.61 31.15
CA GLY A 361 -4.39 9.35 32.10
C GLY A 361 -3.20 8.71 31.40
N PHE A 362 -3.49 7.81 30.47
CA PHE A 362 -2.46 7.13 29.71
C PHE A 362 -1.59 8.14 28.94
N PHE A 363 -2.24 8.98 28.14
CA PHE A 363 -1.50 9.97 27.36
C PHE A 363 -0.90 11.06 28.23
N ASP A 364 -1.53 11.39 29.35
CA ASP A 364 -0.96 12.43 30.23
C ASP A 364 0.43 11.99 30.66
N GLU A 365 0.57 10.72 31.00
CA GLU A 365 1.86 10.20 31.43
C GLU A 365 2.86 10.04 30.30
N HIS A 366 2.42 9.43 29.21
CA HIS A 366 3.32 9.16 28.09
C HIS A 366 3.59 10.28 27.11
N LEU A 367 2.75 11.31 27.09
CA LEU A 367 2.99 12.42 26.18
C LEU A 367 3.63 13.58 26.92
N LEU B 50 -2.53 12.29 -20.02
CA LEU B 50 -1.04 12.26 -19.96
C LEU B 50 -0.41 12.69 -21.28
N GLN B 51 0.74 13.36 -21.17
CA GLN B 51 1.48 13.82 -22.32
C GLN B 51 2.57 12.79 -22.56
N LEU B 52 2.48 12.08 -23.68
CA LEU B 52 3.46 11.05 -24.00
C LEU B 52 4.28 11.45 -25.22
N THR B 53 5.59 11.30 -25.13
CA THR B 53 6.44 11.63 -26.27
C THR B 53 6.16 10.61 -27.36
N GLN B 54 6.17 11.05 -28.60
CA GLN B 54 5.91 10.15 -29.71
C GLN B 54 7.20 9.80 -30.42
N GLU B 55 8.30 10.34 -29.91
CA GLU B 55 9.61 10.08 -30.49
C GLU B 55 10.12 8.75 -29.93
N TRP B 56 10.76 7.95 -30.77
CA TRP B 56 11.29 6.68 -30.29
C TRP B 56 12.53 7.01 -29.47
N ASP B 57 12.38 7.00 -28.16
CA ASP B 57 13.49 7.31 -27.24
C ASP B 57 13.88 6.10 -26.40
N LYS B 58 13.74 4.92 -26.97
CA LYS B 58 14.09 3.69 -26.24
C LYS B 58 15.60 3.47 -26.24
N THR B 59 16.07 2.66 -25.29
CA THR B 59 17.49 2.34 -25.17
C THR B 59 17.87 1.21 -26.13
N PHE B 60 16.96 0.91 -27.06
CA PHE B 60 17.19 -0.16 -28.03
C PHE B 60 16.45 0.19 -29.33
N PRO B 61 16.84 -0.42 -30.45
CA PRO B 61 16.19 -0.14 -31.73
C PRO B 61 14.88 -0.93 -31.82
N LEU B 62 13.90 -0.41 -32.56
CA LEU B 62 12.63 -1.10 -32.71
C LEU B 62 12.80 -2.25 -33.69
N SER B 63 12.34 -3.44 -33.32
CA SER B 63 12.43 -4.60 -34.20
C SER B 63 11.51 -4.43 -35.40
N ALA B 64 12.00 -4.82 -36.57
CA ALA B 64 11.20 -4.72 -37.78
C ALA B 64 10.06 -5.75 -37.75
N LYS B 65 10.18 -6.73 -36.85
CA LYS B 65 9.18 -7.78 -36.73
C LYS B 65 8.13 -7.51 -35.65
N VAL B 66 8.05 -6.26 -35.20
CA VAL B 66 7.10 -5.88 -34.16
C VAL B 66 6.37 -4.58 -34.47
N GLU B 67 5.14 -4.46 -34.00
CA GLU B 67 4.33 -3.25 -34.17
C GLU B 67 4.23 -2.61 -32.79
N HIS B 68 4.48 -1.31 -32.70
CA HIS B 68 4.43 -0.63 -31.41
C HIS B 68 3.54 0.60 -31.36
N ARG B 69 2.97 0.85 -30.18
CA ARG B 69 2.14 2.02 -29.92
C ARG B 69 2.15 2.27 -28.42
N LYS B 70 1.95 3.53 -28.03
CA LYS B 70 1.94 3.88 -26.61
C LYS B 70 0.51 3.98 -26.13
N VAL B 71 0.26 3.51 -24.91
CA VAL B 71 -1.08 3.52 -24.35
C VAL B 71 -1.09 3.99 -22.89
N THR B 72 -2.29 4.24 -22.37
CA THR B 72 -2.43 4.64 -20.99
C THR B 72 -3.64 3.91 -20.39
N PHE B 73 -3.62 3.75 -19.08
CA PHE B 73 -4.70 3.08 -18.36
C PHE B 73 -4.55 3.38 -16.87
N ALA B 74 -5.65 3.38 -16.14
CA ALA B 74 -5.62 3.69 -14.71
C ALA B 74 -5.60 2.46 -13.81
N ASN B 75 -5.12 2.61 -12.57
CA ASN B 75 -5.11 1.50 -11.64
C ASN B 75 -6.23 1.72 -10.62
N ARG B 76 -6.45 0.75 -9.73
CA ARG B 76 -7.52 0.86 -8.74
C ARG B 76 -7.42 2.07 -7.82
N TYR B 77 -6.21 2.62 -7.68
CA TYR B 77 -6.01 3.76 -6.80
C TYR B 77 -6.16 5.13 -7.46
N GLY B 78 -6.63 5.15 -8.70
CA GLY B 78 -6.86 6.41 -9.40
C GLY B 78 -5.71 7.03 -10.16
N ILE B 79 -4.61 6.30 -10.31
CA ILE B 79 -3.44 6.81 -11.03
C ILE B 79 -3.43 6.29 -12.45
N THR B 80 -3.22 7.19 -13.42
CA THR B 80 -3.15 6.81 -14.82
C THR B 80 -1.71 6.46 -15.19
N LEU B 81 -1.53 5.27 -15.75
CA LEU B 81 -0.19 4.81 -16.13
C LEU B 81 0.05 4.86 -17.64
N ALA B 82 1.32 5.02 -18.01
CA ALA B 82 1.73 5.07 -19.40
C ALA B 82 2.47 3.76 -19.71
N ALA B 83 2.29 3.24 -20.92
CA ALA B 83 2.94 2.00 -21.28
C ALA B 83 3.19 1.86 -22.76
N ASP B 84 4.11 0.96 -23.10
CA ASP B 84 4.46 0.67 -24.49
C ASP B 84 3.86 -0.70 -24.83
N LEU B 85 3.05 -0.76 -25.88
CA LEU B 85 2.42 -2.00 -26.30
C LEU B 85 3.12 -2.57 -27.53
N TYR B 86 3.54 -3.83 -27.47
CA TYR B 86 4.22 -4.48 -28.58
C TYR B 86 3.43 -5.67 -29.12
N LEU B 87 3.30 -5.75 -30.44
CA LEU B 87 2.58 -6.86 -31.05
C LEU B 87 3.42 -7.55 -32.13
N PRO B 88 3.25 -8.88 -32.28
CA PRO B 88 4.00 -9.60 -33.31
C PRO B 88 3.49 -9.04 -34.65
N LYS B 89 4.37 -8.46 -35.45
CA LYS B 89 3.94 -7.87 -36.71
C LYS B 89 3.36 -8.84 -37.73
N ASN B 90 3.96 -10.01 -37.87
CA ASN B 90 3.50 -10.99 -38.84
C ASN B 90 2.53 -12.01 -38.27
N ARG B 91 1.79 -11.61 -37.24
CA ARG B 91 0.83 -12.49 -36.58
C ARG B 91 -0.30 -12.98 -37.48
N GLY B 92 -0.84 -14.15 -37.13
CA GLY B 92 -1.94 -14.73 -37.88
C GLY B 92 -3.26 -14.19 -37.35
N GLY B 93 -4.33 -14.97 -37.48
CA GLY B 93 -5.65 -14.51 -37.03
C GLY B 93 -6.10 -14.84 -35.62
N ASP B 94 -5.59 -15.94 -35.05
CA ASP B 94 -5.97 -16.32 -33.69
C ASP B 94 -5.50 -15.33 -32.64
N ARG B 95 -6.31 -15.13 -31.60
CA ARG B 95 -5.94 -14.22 -30.52
C ARG B 95 -4.69 -14.79 -29.85
N LEU B 96 -3.77 -13.90 -29.48
CA LEU B 96 -2.51 -14.33 -28.89
C LEU B 96 -2.40 -14.27 -27.37
N PRO B 97 -1.42 -15.02 -26.82
CA PRO B 97 -1.20 -15.04 -25.38
C PRO B 97 -0.50 -13.71 -25.12
N ALA B 98 -0.56 -13.19 -23.90
CA ALA B 98 0.05 -11.90 -23.60
C ALA B 98 0.90 -11.90 -22.35
N ILE B 99 1.84 -10.97 -22.28
CA ILE B 99 2.75 -10.88 -21.14
C ILE B 99 2.96 -9.42 -20.70
N VAL B 100 2.79 -9.16 -19.41
CA VAL B 100 3.00 -7.82 -18.88
C VAL B 100 4.38 -7.82 -18.23
N ILE B 101 5.25 -6.89 -18.64
CA ILE B 101 6.60 -6.85 -18.09
C ILE B 101 6.82 -5.58 -17.26
N GLY B 102 7.46 -5.73 -16.10
CA GLY B 102 7.73 -4.60 -15.25
C GLY B 102 9.10 -4.67 -14.60
N GLY B 103 9.67 -3.51 -14.30
CA GLY B 103 10.98 -3.44 -13.67
C GLY B 103 12.08 -3.00 -14.62
N PRO B 104 13.28 -2.69 -14.10
CA PRO B 104 13.70 -2.74 -12.69
C PRO B 104 13.05 -1.68 -11.81
N PHE B 105 13.25 -1.78 -10.49
CA PHE B 105 12.70 -0.81 -9.55
C PHE B 105 13.51 0.49 -9.70
N GLY B 106 12.89 1.53 -10.20
CA GLY B 106 13.59 2.79 -10.40
C GLY B 106 13.95 2.99 -11.87
N ALA B 107 13.46 2.10 -12.72
CA ALA B 107 13.71 2.19 -14.17
C ALA B 107 12.41 2.50 -14.91
N VAL B 108 12.50 2.93 -16.15
CA VAL B 108 11.30 3.23 -16.91
C VAL B 108 11.14 2.24 -18.07
N LYS B 109 9.97 2.28 -18.71
CA LYS B 109 9.65 1.37 -19.81
C LYS B 109 10.62 1.40 -20.99
N GLU B 110 11.30 2.53 -21.18
CA GLU B 110 12.24 2.65 -22.30
C GLU B 110 13.52 1.88 -22.07
N GLN B 111 13.71 1.39 -20.85
CA GLN B 111 14.93 0.65 -20.54
C GLN B 111 14.70 -0.86 -20.64
N SER B 112 15.20 -1.61 -19.66
CA SER B 112 15.13 -3.08 -19.67
C SER B 112 13.78 -3.75 -19.94
N SER B 113 12.71 -3.31 -19.29
CA SER B 113 11.41 -3.95 -19.50
C SER B 113 10.97 -3.81 -20.96
N GLY B 114 11.25 -2.67 -21.56
CA GLY B 114 10.89 -2.46 -22.95
C GLY B 114 11.65 -3.41 -23.86
N LEU B 115 12.91 -3.66 -23.51
CA LEU B 115 13.76 -4.57 -24.28
C LEU B 115 13.19 -5.96 -24.16
N TYR B 116 12.84 -6.36 -22.94
CA TYR B 116 12.26 -7.67 -22.71
C TYR B 116 10.97 -7.81 -23.50
N ALA B 117 10.14 -6.77 -23.42
CA ALA B 117 8.86 -6.76 -24.11
C ALA B 117 8.97 -6.91 -25.63
N GLN B 118 9.88 -6.17 -26.24
CA GLN B 118 10.05 -6.25 -27.69
C GLN B 118 10.52 -7.64 -28.11
N THR B 119 11.51 -8.16 -27.39
CA THR B 119 12.05 -9.47 -27.71
C THR B 119 10.99 -10.56 -27.59
N MET B 120 10.14 -10.49 -26.56
CA MET B 120 9.11 -11.51 -26.41
C MET B 120 8.00 -11.35 -27.46
N ALA B 121 7.82 -10.12 -27.95
CA ALA B 121 6.82 -9.89 -28.99
C ALA B 121 7.36 -10.51 -30.27
N GLU B 122 8.67 -10.44 -30.45
CA GLU B 122 9.32 -11.03 -31.61
C GLU B 122 9.09 -12.53 -31.56
N ARG B 123 8.82 -13.04 -30.36
CA ARG B 123 8.59 -14.46 -30.17
C ARG B 123 7.12 -14.85 -30.14
N GLY B 124 6.28 -14.01 -30.73
CA GLY B 124 4.85 -14.29 -30.83
C GLY B 124 3.92 -13.89 -29.71
N PHE B 125 4.40 -13.12 -28.75
CA PHE B 125 3.55 -12.70 -27.63
C PHE B 125 3.18 -11.22 -27.70
N VAL B 126 1.97 -10.91 -27.27
CA VAL B 126 1.57 -9.51 -27.23
C VAL B 126 2.16 -9.13 -25.88
N THR B 127 2.93 -8.04 -25.84
CA THR B 127 3.55 -7.65 -24.58
C THR B 127 3.33 -6.18 -24.23
N LEU B 128 3.52 -5.86 -22.96
CA LEU B 128 3.33 -4.50 -22.48
C LEU B 128 4.36 -4.14 -21.40
N ALA B 129 5.09 -3.06 -21.61
CA ALA B 129 6.08 -2.57 -20.64
C ALA B 129 5.51 -1.23 -20.14
N PHE B 130 5.38 -1.09 -18.83
CA PHE B 130 4.77 0.12 -18.28
C PHE B 130 5.62 0.88 -17.28
N ASP B 131 5.28 2.15 -17.10
CA ASP B 131 5.96 3.00 -16.13
C ASP B 131 5.13 2.93 -14.85
N PRO B 132 5.75 2.56 -13.73
CA PRO B 132 5.04 2.48 -12.44
C PRO B 132 4.41 3.80 -12.05
N SER B 133 3.44 3.77 -11.13
CA SER B 133 2.79 4.98 -10.64
C SER B 133 3.84 5.99 -10.19
N TYR B 134 3.56 7.28 -10.40
CA TYR B 134 4.46 8.35 -9.97
C TYR B 134 5.78 8.47 -10.72
N THR B 135 6.05 7.57 -11.67
CA THR B 135 7.32 7.60 -12.38
C THR B 135 7.18 7.65 -13.91
N GLY B 136 8.30 7.86 -14.60
CA GLY B 136 8.27 7.93 -16.05
C GLY B 136 7.23 8.89 -16.60
N GLU B 137 6.46 8.42 -17.57
CA GLU B 137 5.43 9.26 -18.17
C GLU B 137 4.08 9.06 -17.46
N SER B 138 4.04 8.14 -16.50
CA SER B 138 2.82 7.87 -15.77
C SER B 138 2.46 9.03 -14.88
N GLY B 139 1.18 9.11 -14.49
CA GLY B 139 0.74 10.20 -13.64
C GLY B 139 1.05 9.95 -12.17
N GLY B 140 0.65 10.88 -11.32
CA GLY B 140 0.87 10.74 -9.89
C GLY B 140 1.80 11.78 -9.30
N GLN B 141 1.41 12.30 -8.15
CA GLN B 141 2.21 13.30 -7.45
C GLN B 141 2.22 12.95 -5.98
N PRO B 142 3.33 13.16 -5.26
CA PRO B 142 4.60 13.72 -5.72
C PRO B 142 5.26 12.78 -6.72
N ARG B 143 6.14 13.32 -7.56
CA ARG B 143 6.84 12.50 -8.52
C ARG B 143 7.86 11.61 -7.81
N ASN B 144 8.11 10.45 -8.38
CA ASN B 144 9.09 9.51 -7.84
C ASN B 144 8.95 9.09 -6.39
N VAL B 145 7.79 8.53 -6.07
CA VAL B 145 7.54 7.99 -4.75
C VAL B 145 7.08 6.58 -5.10
N ALA B 146 7.31 5.62 -4.21
CA ALA B 146 6.90 4.25 -4.48
C ALA B 146 6.18 3.63 -3.30
N SER B 147 5.61 2.45 -3.51
CA SER B 147 4.88 1.73 -2.48
C SER B 147 4.72 0.28 -2.93
N PRO B 148 4.92 -0.69 -2.01
CA PRO B 148 4.76 -2.09 -2.40
C PRO B 148 3.32 -2.42 -2.78
N ASP B 149 2.38 -1.74 -2.11
CA ASP B 149 0.95 -1.93 -2.35
C ASP B 149 0.55 -1.31 -3.69
N ILE B 150 0.85 -0.03 -3.86
CA ILE B 150 0.51 0.65 -5.10
C ILE B 150 1.21 0.02 -6.32
N ASN B 151 2.48 -0.37 -6.15
CA ASN B 151 3.22 -0.96 -7.26
C ASN B 151 2.74 -2.37 -7.62
N THR B 152 2.33 -3.14 -6.63
CA THR B 152 1.81 -4.47 -6.91
C THR B 152 0.52 -4.27 -7.72
N GLU B 153 -0.28 -3.28 -7.31
CA GLU B 153 -1.53 -2.95 -8.01
C GLU B 153 -1.24 -2.52 -9.46
N ASP B 154 -0.14 -1.78 -9.67
CA ASP B 154 0.23 -1.34 -11.01
C ASP B 154 0.27 -2.54 -11.96
N PHE B 155 0.88 -3.63 -11.49
CA PHE B 155 1.01 -4.84 -12.28
C PHE B 155 -0.34 -5.37 -12.77
N SER B 156 -1.33 -5.41 -11.88
CA SER B 156 -2.65 -5.92 -12.22
C SER B 156 -3.47 -4.93 -13.04
N ALA B 157 -3.13 -3.64 -12.93
CA ALA B 157 -3.81 -2.63 -13.71
C ALA B 157 -3.38 -2.81 -15.17
N ALA B 158 -2.11 -3.17 -15.35
CA ALA B 158 -1.56 -3.39 -16.69
C ALA B 158 -2.24 -4.65 -17.27
N VAL B 159 -2.52 -5.61 -16.40
CA VAL B 159 -3.19 -6.83 -16.82
C VAL B 159 -4.61 -6.48 -17.27
N ASP B 160 -5.27 -5.59 -16.53
CA ASP B 160 -6.63 -5.16 -16.90
C ASP B 160 -6.63 -4.68 -18.35
N PHE B 161 -5.66 -3.83 -18.69
CA PHE B 161 -5.56 -3.26 -20.02
C PHE B 161 -5.20 -4.27 -21.11
N ILE B 162 -4.08 -4.97 -20.94
CA ILE B 162 -3.62 -5.91 -21.94
C ILE B 162 -4.62 -7.02 -22.26
N SER B 163 -5.31 -7.54 -21.25
CA SER B 163 -6.27 -8.62 -21.46
C SER B 163 -7.53 -8.22 -22.22
N LEU B 164 -7.78 -6.91 -22.35
CA LEU B 164 -8.96 -6.44 -23.06
C LEU B 164 -8.72 -6.09 -24.54
N LEU B 165 -7.49 -6.23 -25.01
CA LEU B 165 -7.16 -5.92 -26.40
C LEU B 165 -7.75 -6.98 -27.33
N PRO B 166 -8.23 -6.57 -28.51
CA PRO B 166 -8.81 -7.55 -29.43
C PRO B 166 -7.83 -8.63 -29.88
N GLU B 167 -6.55 -8.28 -30.00
CA GLU B 167 -5.54 -9.25 -30.44
C GLU B 167 -5.20 -10.27 -29.34
N VAL B 168 -5.66 -10.04 -28.13
CA VAL B 168 -5.34 -10.95 -27.03
C VAL B 168 -6.45 -11.84 -26.52
N ASN B 169 -6.05 -12.96 -25.95
CA ASN B 169 -6.97 -13.94 -25.36
C ASN B 169 -6.79 -13.73 -23.84
N ARG B 170 -7.79 -13.12 -23.20
CA ARG B 170 -7.73 -12.83 -21.76
C ARG B 170 -7.35 -13.99 -20.84
N GLU B 171 -7.58 -15.23 -21.30
CA GLU B 171 -7.25 -16.39 -20.47
C GLU B 171 -5.81 -16.85 -20.64
N ARG B 172 -5.05 -16.18 -21.50
CA ARG B 172 -3.67 -16.57 -21.73
C ARG B 172 -2.68 -15.46 -21.36
N ILE B 173 -2.65 -15.10 -20.09
CA ILE B 173 -1.77 -14.02 -19.64
C ILE B 173 -0.73 -14.42 -18.58
N GLY B 174 0.48 -13.92 -18.77
CA GLY B 174 1.56 -14.17 -17.84
C GLY B 174 2.29 -12.86 -17.58
N VAL B 175 3.21 -12.85 -16.62
CA VAL B 175 3.95 -11.62 -16.34
C VAL B 175 5.40 -11.92 -16.07
N ILE B 176 6.25 -10.93 -16.32
CA ILE B 176 7.68 -11.04 -16.08
C ILE B 176 8.04 -9.85 -15.20
N GLY B 177 8.66 -10.13 -14.06
CA GLY B 177 9.07 -9.06 -13.17
C GLY B 177 10.58 -9.00 -13.16
N ILE B 178 11.14 -7.85 -13.52
CA ILE B 178 12.60 -7.68 -13.58
C ILE B 178 13.17 -6.98 -12.35
N CYS B 179 14.31 -7.47 -11.86
CA CYS B 179 14.99 -6.88 -10.73
C CYS B 179 14.00 -6.60 -9.58
N GLY B 180 13.99 -5.36 -9.09
CA GLY B 180 13.08 -5.01 -8.01
C GLY B 180 11.63 -5.38 -8.26
N TRP B 181 11.20 -5.46 -9.52
CA TRP B 181 9.81 -5.81 -9.79
C TRP B 181 9.57 -7.32 -9.87
N GLY B 182 10.62 -8.09 -9.61
CA GLY B 182 10.45 -9.53 -9.60
C GLY B 182 9.58 -9.83 -8.39
N GLY B 183 9.89 -9.14 -7.30
CA GLY B 183 9.13 -9.31 -6.08
C GLY B 183 7.70 -8.84 -6.24
N MET B 184 7.52 -7.69 -6.87
CA MET B 184 6.17 -7.16 -7.10
C MET B 184 5.35 -8.11 -7.99
N ALA B 185 6.03 -8.77 -8.93
CA ALA B 185 5.36 -9.71 -9.82
C ALA B 185 4.80 -10.90 -9.04
N LEU B 186 5.66 -11.52 -8.25
CA LEU B 186 5.24 -12.68 -7.45
C LEU B 186 4.13 -12.26 -6.50
N ASN B 187 4.23 -11.03 -5.98
CA ASN B 187 3.22 -10.53 -5.05
C ASN B 187 1.86 -10.39 -5.75
N ALA B 188 1.86 -9.83 -6.96
CA ALA B 188 0.61 -9.64 -7.70
C ALA B 188 -0.04 -10.96 -8.10
N VAL B 189 0.77 -11.87 -8.63
CA VAL B 189 0.27 -13.16 -9.08
C VAL B 189 -0.45 -13.93 -7.98
N ALA B 190 0.05 -13.84 -6.75
CA ALA B 190 -0.56 -14.54 -5.63
C ALA B 190 -2.06 -14.30 -5.52
N VAL B 191 -2.49 -13.04 -5.66
CA VAL B 191 -3.92 -12.73 -5.54
C VAL B 191 -4.65 -12.44 -6.85
N ASP B 192 -3.91 -12.21 -7.93
CA ASP B 192 -4.55 -11.96 -9.23
C ASP B 192 -4.56 -13.28 -9.98
N LYS B 193 -5.63 -14.06 -9.83
CA LYS B 193 -5.73 -15.37 -10.49
C LYS B 193 -5.81 -15.31 -12.01
N ARG B 194 -5.90 -14.12 -12.59
CA ARG B 194 -5.96 -14.02 -14.05
C ARG B 194 -4.60 -14.29 -14.67
N VAL B 195 -3.54 -14.18 -13.86
CA VAL B 195 -2.19 -14.40 -14.36
C VAL B 195 -1.88 -15.90 -14.23
N LYS B 196 -1.76 -16.56 -15.38
CA LYS B 196 -1.53 -18.01 -15.41
C LYS B 196 -0.12 -18.51 -15.15
N ALA B 197 0.88 -17.65 -15.34
CA ALA B 197 2.27 -18.05 -15.13
C ALA B 197 3.16 -16.84 -14.87
N VAL B 198 4.22 -17.03 -14.10
CA VAL B 198 5.11 -15.92 -13.78
C VAL B 198 6.60 -16.23 -13.85
N VAL B 199 7.36 -15.27 -14.37
CA VAL B 199 8.80 -15.38 -14.46
C VAL B 199 9.44 -14.19 -13.77
N THR B 200 10.50 -14.41 -13.00
CA THR B 200 11.22 -13.31 -12.38
C THR B 200 12.63 -13.39 -12.96
N SER B 201 13.23 -12.23 -13.18
CA SER B 201 14.58 -12.18 -13.75
C SER B 201 15.47 -11.35 -12.84
N THR B 202 16.54 -11.96 -12.36
CA THR B 202 17.51 -11.34 -11.46
C THR B 202 16.77 -10.45 -10.43
N MET B 203 15.77 -11.04 -9.77
CA MET B 203 14.94 -10.32 -8.81
C MET B 203 15.54 -9.83 -7.49
N TYR B 204 14.77 -8.91 -6.89
CA TYR B 204 15.03 -8.32 -5.60
C TYR B 204 13.66 -8.33 -4.94
N ASP B 205 13.63 -8.38 -3.60
CA ASP B 205 12.39 -8.28 -2.86
C ASP B 205 12.71 -6.94 -2.20
N MET B 206 12.14 -5.86 -2.72
CA MET B 206 12.42 -4.54 -2.20
C MET B 206 12.05 -4.31 -0.73
N THR B 207 11.03 -4.98 -0.23
CA THR B 207 10.69 -4.79 1.17
C THR B 207 11.80 -5.41 2.02
N ARG B 208 12.41 -6.46 1.50
CA ARG B 208 13.50 -7.15 2.20
C ARG B 208 14.80 -6.34 2.17
N VAL B 209 15.20 -5.87 0.99
CA VAL B 209 16.45 -5.12 0.90
C VAL B 209 16.39 -3.82 1.71
N MET B 210 15.24 -3.15 1.69
CA MET B 210 15.11 -1.90 2.42
C MET B 210 15.03 -2.11 3.93
N SER B 211 14.57 -3.29 4.33
CA SER B 211 14.43 -3.59 5.76
C SER B 211 15.67 -4.28 6.35
N LYS B 212 16.21 -5.25 5.63
CA LYS B 212 17.36 -6.01 6.12
C LYS B 212 18.66 -5.64 5.43
N GLY B 213 18.58 -4.86 4.36
CA GLY B 213 19.77 -4.48 3.63
C GLY B 213 20.33 -5.68 2.90
N TYR B 214 21.45 -5.49 2.21
CA TYR B 214 22.04 -6.62 1.49
C TYR B 214 22.63 -7.60 2.49
N ASN B 215 22.30 -8.88 2.29
CA ASN B 215 22.81 -9.96 3.13
C ASN B 215 22.59 -9.77 4.64
N ASP B 216 21.37 -9.38 5.02
CA ASP B 216 21.01 -9.17 6.42
C ASP B 216 22.08 -8.38 7.17
N SER B 217 22.48 -7.26 6.59
CA SER B 217 23.51 -6.39 7.16
C SER B 217 22.95 -5.24 7.97
N VAL B 218 21.65 -5.28 8.24
CA VAL B 218 21.00 -4.22 9.01
C VAL B 218 20.41 -4.79 10.29
N THR B 219 20.90 -4.31 11.43
CA THR B 219 20.40 -4.76 12.73
C THR B 219 19.26 -3.83 13.14
N LEU B 220 18.58 -4.16 14.23
CA LEU B 220 17.48 -3.33 14.71
C LEU B 220 17.96 -1.90 14.96
N GLU B 221 19.15 -1.77 15.56
CA GLU B 221 19.70 -0.44 15.82
C GLU B 221 19.73 0.42 14.55
N GLN B 222 20.27 -0.15 13.46
CA GLN B 222 20.36 0.58 12.19
C GLN B 222 18.97 0.83 11.62
N ARG B 223 18.13 -0.20 11.63
CA ARG B 223 16.77 -0.06 11.12
C ARG B 223 16.10 1.08 11.88
N THR B 224 16.19 1.03 13.19
CA THR B 224 15.56 2.05 14.03
C THR B 224 16.10 3.44 13.74
N ARG B 225 17.43 3.55 13.57
CA ARG B 225 18.04 4.85 13.26
C ARG B 225 17.49 5.41 11.95
N THR B 226 17.42 4.57 10.93
CA THR B 226 16.89 4.99 9.65
C THR B 226 15.46 5.51 9.81
N LEU B 227 14.63 4.76 10.53
CA LEU B 227 13.26 5.16 10.74
C LEU B 227 13.13 6.47 11.52
N GLU B 228 13.99 6.66 12.52
CA GLU B 228 13.92 7.89 13.28
C GLU B 228 14.30 9.06 12.38
N GLN B 229 15.30 8.85 11.53
CA GLN B 229 15.75 9.88 10.60
C GLN B 229 14.66 10.20 9.58
N LEU B 230 13.91 9.18 9.16
CA LEU B 230 12.82 9.38 8.20
C LEU B 230 11.71 10.17 8.89
N GLY B 231 11.53 9.94 10.19
CA GLY B 231 10.52 10.66 10.94
C GLY B 231 10.87 12.14 10.92
N GLN B 232 12.14 12.43 11.14
CA GLN B 232 12.60 13.82 11.12
C GLN B 232 12.35 14.42 9.74
N GLN B 233 12.58 13.65 8.69
CA GLN B 233 12.38 14.16 7.34
C GLN B 233 10.91 14.45 7.09
N ARG B 234 10.02 13.60 7.58
CA ARG B 234 8.59 13.85 7.39
C ARG B 234 8.24 15.26 7.85
N TRP B 235 8.80 15.67 8.98
CA TRP B 235 8.53 17.01 9.51
C TRP B 235 9.07 18.10 8.58
N LYS B 236 10.31 17.92 8.13
CA LYS B 236 10.90 18.90 7.21
C LYS B 236 10.05 19.00 5.95
N ASP B 237 9.66 17.85 5.41
CA ASP B 237 8.84 17.82 4.21
C ASP B 237 7.51 18.56 4.45
N ALA B 238 6.88 18.30 5.58
CA ALA B 238 5.61 18.95 5.91
C ALA B 238 5.83 20.44 5.99
N GLU B 239 6.95 20.82 6.61
CA GLU B 239 7.29 22.23 6.77
C GLU B 239 7.53 22.89 5.41
N SER B 240 8.26 22.20 4.53
CA SER B 240 8.58 22.69 3.19
C SER B 240 7.36 22.78 2.30
N GLY B 241 6.50 21.76 2.39
CA GLY B 241 5.33 21.72 1.55
C GLY B 241 5.50 20.68 0.46
N THR B 242 6.75 20.26 0.26
CA THR B 242 7.07 19.25 -0.75
C THR B 242 8.10 18.27 -0.19
N PRO B 243 8.07 17.00 -0.65
CA PRO B 243 9.03 16.01 -0.16
C PRO B 243 10.42 16.22 -0.74
N ALA B 244 11.44 16.06 0.09
CA ALA B 244 12.82 16.19 -0.34
C ALA B 244 13.26 14.87 -0.97
N TYR B 245 14.13 14.94 -1.98
CA TYR B 245 14.60 13.73 -2.64
C TYR B 245 15.96 13.28 -2.16
N GLN B 246 16.26 12.00 -2.40
CA GLN B 246 17.54 11.45 -2.01
C GLN B 246 18.57 11.95 -3.02
N PRO B 247 19.86 11.80 -2.71
CA PRO B 247 20.92 12.25 -3.63
C PRO B 247 20.81 11.53 -4.98
N PRO B 248 21.29 12.17 -6.06
CA PRO B 248 21.24 11.56 -7.39
C PRO B 248 21.72 10.12 -7.36
N TYR B 249 20.99 9.25 -8.04
CA TYR B 249 21.32 7.83 -8.09
C TYR B 249 22.41 7.43 -9.08
N ASN B 250 23.14 6.39 -8.70
CA ASN B 250 24.21 5.81 -9.50
C ASN B 250 25.35 6.73 -9.93
N GLU B 251 25.76 7.62 -9.03
CA GLU B 251 26.88 8.50 -9.30
C GLU B 251 28.03 7.84 -8.54
N LEU B 252 29.15 7.62 -9.23
CA LEU B 252 30.29 6.95 -8.61
C LEU B 252 31.25 7.88 -7.88
N LYS B 253 31.58 7.53 -6.64
CA LYS B 253 32.50 8.33 -5.83
C LYS B 253 33.86 7.64 -5.76
N GLY B 254 33.96 6.45 -6.35
CA GLY B 254 35.22 5.73 -6.34
C GLY B 254 35.30 4.69 -5.24
N GLY B 255 35.76 3.49 -5.59
CA GLY B 255 35.88 2.44 -4.60
C GLY B 255 34.62 1.60 -4.47
N GLU B 256 33.58 1.97 -5.21
CA GLU B 256 32.32 1.22 -5.19
C GLU B 256 32.51 -0.25 -5.54
N ALA B 257 31.68 -1.12 -4.97
CA ALA B 257 31.77 -2.53 -5.27
C ALA B 257 31.41 -2.68 -6.75
N GLN B 258 31.79 -3.82 -7.33
CA GLN B 258 31.52 -4.08 -8.73
C GLN B 258 30.04 -4.00 -9.15
N PHE B 259 29.14 -4.48 -8.30
CA PHE B 259 27.73 -4.44 -8.70
C PHE B 259 27.23 -3.00 -8.80
N LEU B 260 27.85 -2.09 -8.07
CA LEU B 260 27.46 -0.68 -8.15
C LEU B 260 28.07 -0.09 -9.42
N VAL B 261 29.29 -0.50 -9.73
CA VAL B 261 29.96 -0.03 -10.94
C VAL B 261 29.12 -0.52 -12.12
N ASP B 262 28.57 -1.73 -12.00
CA ASP B 262 27.74 -2.29 -13.06
C ASP B 262 26.45 -1.47 -13.22
N TYR B 263 25.85 -1.07 -12.10
CA TYR B 263 24.64 -0.28 -12.14
C TYR B 263 24.91 1.07 -12.83
N HIS B 264 26.07 1.66 -12.55
CA HIS B 264 26.41 2.92 -13.19
C HIS B 264 26.60 2.74 -14.69
N ASP B 265 27.30 1.67 -15.08
CA ASP B 265 27.53 1.41 -16.49
C ASP B 265 26.23 1.32 -17.29
N TYR B 266 25.19 0.80 -16.64
CA TYR B 266 23.91 0.68 -17.33
C TYR B 266 23.09 1.97 -17.29
N TYR B 267 22.82 2.46 -16.08
CA TYR B 267 22.00 3.65 -15.92
C TYR B 267 22.62 5.00 -16.25
N MET B 268 23.95 5.08 -16.23
CA MET B 268 24.56 6.37 -16.51
C MET B 268 25.51 6.46 -17.72
N THR B 269 25.33 5.55 -18.68
CA THR B 269 26.10 5.59 -19.91
C THR B 269 25.06 5.35 -21.00
N PRO B 270 25.40 5.58 -22.27
CA PRO B 270 24.42 5.36 -23.34
C PRO B 270 23.77 3.98 -23.36
N ARG B 271 24.40 2.99 -22.73
CA ARG B 271 23.84 1.63 -22.72
C ARG B 271 22.38 1.55 -22.27
N GLY B 272 22.07 2.13 -21.11
CA GLY B 272 20.71 2.08 -20.62
C GLY B 272 20.18 3.39 -20.07
N TYR B 273 20.94 4.47 -20.21
CA TYR B 273 20.50 5.76 -19.69
C TYR B 273 19.21 6.30 -20.29
N HIS B 274 18.40 6.92 -19.45
CA HIS B 274 17.16 7.55 -19.87
C HIS B 274 16.85 8.58 -18.78
N PRO B 275 16.77 9.86 -19.16
CA PRO B 275 16.50 10.99 -18.27
C PRO B 275 15.29 10.90 -17.34
N ARG B 276 14.31 10.07 -17.65
CA ARG B 276 13.12 9.97 -16.79
C ARG B 276 13.24 8.93 -15.68
N ALA B 277 14.20 8.02 -15.79
CA ALA B 277 14.34 6.98 -14.78
C ALA B 277 14.96 7.47 -13.49
N VAL B 278 14.42 6.99 -12.37
CA VAL B 278 14.93 7.36 -11.06
C VAL B 278 16.39 6.96 -10.94
N ASN B 279 16.73 5.78 -11.43
CA ASN B 279 18.10 5.28 -11.34
C ASN B 279 19.08 5.97 -12.28
N SER B 280 18.57 6.73 -13.24
CA SER B 280 19.47 7.43 -14.17
C SER B 280 19.78 8.84 -13.67
N GLY B 281 20.47 8.92 -12.53
CA GLY B 281 20.84 10.21 -11.97
C GLY B 281 19.72 10.94 -11.25
N ASN B 282 18.60 10.28 -11.00
CA ASN B 282 17.51 10.93 -10.30
C ASN B 282 17.34 10.32 -8.91
N ALA B 283 16.14 10.35 -8.36
CA ALA B 283 15.98 9.79 -7.01
C ALA B 283 14.56 9.66 -6.49
N TRP B 284 14.40 8.75 -5.52
CA TRP B 284 13.12 8.52 -4.87
C TRP B 284 13.02 9.57 -3.78
N THR B 285 11.81 9.85 -3.30
CA THR B 285 11.63 10.80 -2.23
C THR B 285 12.40 10.16 -1.07
N MET B 286 12.91 10.97 -0.15
CA MET B 286 13.64 10.45 1.00
C MET B 286 12.75 9.56 1.88
N THR B 287 11.46 9.87 1.98
CA THR B 287 10.58 9.07 2.84
C THR B 287 9.93 7.86 2.14
N THR B 288 10.33 7.58 0.90
CA THR B 288 9.76 6.44 0.17
C THR B 288 9.88 5.09 0.88
N PRO B 289 11.04 4.79 1.49
CA PRO B 289 11.15 3.49 2.16
C PRO B 289 10.22 3.20 3.35
N LEU B 290 9.52 4.22 3.84
CA LEU B 290 8.64 4.01 4.98
C LEU B 290 7.64 2.87 4.77
N SER B 291 7.05 2.77 3.58
CA SER B 291 6.07 1.69 3.32
C SER B 291 6.72 0.33 3.12
N PHE B 292 7.79 0.31 2.33
CA PHE B 292 8.54 -0.93 2.06
C PHE B 292 9.15 -1.52 3.33
N MET B 293 9.55 -0.68 4.26
CA MET B 293 10.16 -1.15 5.51
C MET B 293 9.12 -1.66 6.51
N ASN B 294 7.84 -1.39 6.25
CA ASN B 294 6.78 -1.79 7.17
C ASN B 294 5.72 -2.76 6.60
N MET B 295 5.70 -2.91 5.27
CA MET B 295 4.72 -3.78 4.61
C MET B 295 5.36 -4.83 3.70
N PRO B 296 5.69 -6.00 4.26
CA PRO B 296 6.33 -7.06 3.47
C PRO B 296 5.44 -7.58 2.33
N ILE B 297 6.09 -8.02 1.25
CA ILE B 297 5.39 -8.60 0.11
C ILE B 297 5.69 -10.10 0.14
N LEU B 298 5.07 -10.83 -0.77
CA LEU B 298 5.28 -12.27 -0.90
C LEU B 298 4.70 -13.16 0.19
N THR B 299 3.92 -12.56 1.11
CA THR B 299 3.31 -13.34 2.18
C THR B 299 2.56 -14.56 1.64
N TYR B 300 1.89 -14.40 0.51
CA TYR B 300 1.11 -15.50 -0.06
C TYR B 300 1.74 -16.14 -1.30
N ILE B 301 3.06 -16.14 -1.36
CA ILE B 301 3.76 -16.71 -2.51
C ILE B 301 3.37 -18.15 -2.80
N LYS B 302 3.05 -18.92 -1.76
CA LYS B 302 2.65 -20.31 -1.94
C LYS B 302 1.30 -20.45 -2.63
N GLU B 303 0.54 -19.36 -2.68
CA GLU B 303 -0.76 -19.41 -3.32
C GLU B 303 -0.71 -19.11 -4.81
N ILE B 304 0.49 -18.99 -5.35
CA ILE B 304 0.66 -18.79 -6.78
C ILE B 304 0.30 -20.16 -7.35
N SER B 305 0.77 -21.20 -6.66
CA SER B 305 0.50 -22.59 -7.03
C SER B 305 -1.01 -22.77 -7.03
N PRO B 306 -1.55 -23.68 -7.86
CA PRO B 306 -0.90 -24.58 -8.82
C PRO B 306 -0.25 -23.94 -10.04
N ARG B 307 -0.26 -22.61 -10.12
CA ARG B 307 0.36 -21.95 -11.27
C ARG B 307 1.88 -21.96 -11.07
N PRO B 308 2.63 -22.18 -12.17
CA PRO B 308 4.10 -22.25 -12.20
C PRO B 308 4.88 -20.95 -12.10
N ILE B 309 6.03 -21.05 -11.45
CA ILE B 309 6.93 -19.92 -11.29
C ILE B 309 8.29 -20.32 -11.81
N LEU B 310 8.91 -19.45 -12.59
CA LEU B 310 10.25 -19.71 -13.12
C LEU B 310 11.10 -18.52 -12.69
N LEU B 311 11.93 -18.72 -11.69
CA LEU B 311 12.81 -17.65 -11.22
C LEU B 311 14.14 -17.80 -11.90
N ILE B 312 14.55 -16.76 -12.62
CA ILE B 312 15.81 -16.78 -13.36
C ILE B 312 16.80 -15.84 -12.69
N HIS B 313 18.05 -16.30 -12.53
CA HIS B 313 19.05 -15.46 -11.89
C HIS B 313 20.46 -15.84 -12.31
N GLY B 314 21.32 -14.82 -12.37
CA GLY B 314 22.70 -15.04 -12.75
C GLY B 314 23.49 -15.70 -11.64
N GLU B 315 24.36 -16.63 -12.02
CA GLU B 315 25.20 -17.36 -11.08
C GLU B 315 26.11 -16.43 -10.24
N ARG B 316 26.69 -15.43 -10.89
CA ARG B 316 27.59 -14.51 -10.21
C ARG B 316 26.95 -13.18 -9.83
N ALA B 317 25.63 -13.14 -9.74
CA ALA B 317 24.93 -11.91 -9.39
C ALA B 317 24.96 -11.70 -7.88
N HIS B 318 25.29 -10.49 -7.44
CA HIS B 318 25.34 -10.19 -6.01
C HIS B 318 23.96 -10.45 -5.39
N SER B 319 22.92 -10.30 -6.21
CA SER B 319 21.54 -10.46 -5.77
C SER B 319 20.95 -11.86 -5.94
N ARG B 320 21.78 -12.84 -6.29
CA ARG B 320 21.29 -14.21 -6.50
C ARG B 320 20.45 -14.76 -5.33
N TYR B 321 20.88 -14.47 -4.10
CA TYR B 321 20.17 -14.99 -2.93
C TYR B 321 18.71 -14.60 -2.80
N PHE B 322 18.27 -13.54 -3.48
CA PHE B 322 16.87 -13.14 -3.40
C PHE B 322 16.00 -14.19 -4.06
N SER B 323 16.46 -14.70 -5.19
CA SER B 323 15.72 -15.73 -5.91
C SER B 323 15.77 -17.03 -5.10
N GLU B 324 16.90 -17.30 -4.44
CA GLU B 324 17.01 -18.51 -3.63
C GLU B 324 15.99 -18.46 -2.49
N THR B 325 15.86 -17.30 -1.85
CA THR B 325 14.89 -17.14 -0.76
C THR B 325 13.46 -17.32 -1.29
N ALA B 326 13.12 -16.59 -2.35
CA ALA B 326 11.79 -16.69 -2.94
C ALA B 326 11.45 -18.12 -3.37
N TYR B 327 12.43 -18.79 -3.97
CA TYR B 327 12.25 -20.17 -4.41
C TYR B 327 11.89 -21.10 -3.24
N ALA B 328 12.61 -20.96 -2.13
CA ALA B 328 12.37 -21.80 -0.97
C ALA B 328 11.01 -21.52 -0.32
N ALA B 329 10.53 -20.29 -0.45
CA ALA B 329 9.25 -19.91 0.13
C ALA B 329 8.07 -20.33 -0.75
N ALA B 330 8.32 -20.43 -2.05
CA ALA B 330 7.28 -20.79 -2.99
C ALA B 330 6.91 -22.27 -2.90
N ALA B 331 5.84 -22.63 -3.60
CA ALA B 331 5.38 -24.01 -3.63
C ALA B 331 5.47 -24.49 -5.07
N GLU B 332 5.48 -25.81 -5.26
CA GLU B 332 5.53 -26.37 -6.60
C GLU B 332 4.20 -26.03 -7.30
N PRO B 333 4.21 -25.87 -8.62
CA PRO B 333 5.39 -26.00 -9.48
C PRO B 333 6.27 -24.76 -9.42
N LYS B 334 7.57 -24.98 -9.25
CA LYS B 334 8.52 -23.88 -9.17
C LYS B 334 9.86 -24.33 -9.72
N GLU B 335 10.62 -23.39 -10.25
CA GLU B 335 11.94 -23.70 -10.79
C GLU B 335 12.90 -22.52 -10.63
N LEU B 336 14.11 -22.82 -10.21
CA LEU B 336 15.14 -21.79 -10.06
C LEU B 336 16.12 -22.06 -11.16
N LEU B 337 16.17 -21.15 -12.13
CA LEU B 337 17.09 -21.27 -13.25
C LEU B 337 18.27 -20.33 -13.04
N ILE B 338 19.44 -20.92 -12.86
CA ILE B 338 20.65 -20.14 -12.66
C ILE B 338 21.43 -20.06 -13.96
N VAL B 339 21.68 -18.85 -14.43
CA VAL B 339 22.41 -18.63 -15.67
C VAL B 339 23.91 -18.57 -15.35
N PRO B 340 24.68 -19.55 -15.85
CA PRO B 340 26.13 -19.56 -15.59
C PRO B 340 26.89 -18.29 -16.00
N GLY B 341 27.80 -17.89 -15.11
CA GLY B 341 28.64 -16.73 -15.33
C GLY B 341 27.98 -15.35 -15.36
N ALA B 342 26.65 -15.30 -15.29
CA ALA B 342 25.94 -14.01 -15.37
C ALA B 342 25.92 -13.17 -14.09
N SER B 343 26.04 -11.86 -14.27
CA SER B 343 26.01 -10.89 -13.17
C SER B 343 24.55 -10.46 -13.04
N HIS B 344 24.31 -9.43 -12.23
CA HIS B 344 22.95 -8.94 -12.06
C HIS B 344 22.52 -8.16 -13.30
N VAL B 345 23.29 -7.13 -13.64
CA VAL B 345 22.96 -6.29 -14.80
C VAL B 345 23.02 -7.05 -16.12
N ASP B 346 23.71 -8.19 -16.16
CA ASP B 346 23.78 -8.98 -17.39
C ASP B 346 22.36 -9.32 -17.86
N LEU B 347 21.47 -9.55 -16.92
CA LEU B 347 20.09 -9.91 -17.28
C LEU B 347 19.18 -8.74 -17.56
N TYR B 348 19.75 -7.54 -17.62
CA TYR B 348 18.98 -6.35 -17.93
C TYR B 348 18.80 -6.23 -19.44
N ASP B 349 19.92 -6.36 -20.17
CA ASP B 349 19.87 -6.17 -21.61
C ASP B 349 20.66 -7.13 -22.51
N ARG B 350 21.45 -8.02 -21.95
CA ARG B 350 22.25 -8.92 -22.79
C ARG B 350 21.48 -10.05 -23.44
N LEU B 351 21.30 -9.95 -24.76
CA LEU B 351 20.59 -10.96 -25.53
C LEU B 351 21.41 -12.24 -25.70
N ASP B 352 22.64 -12.22 -25.20
CA ASP B 352 23.49 -13.40 -25.28
C ASP B 352 23.57 -14.05 -23.90
N ARG B 353 22.90 -13.44 -22.91
CA ARG B 353 22.88 -13.97 -21.55
C ARG B 353 21.46 -14.24 -21.04
N ILE B 354 20.50 -13.38 -21.38
CA ILE B 354 19.12 -13.56 -20.95
C ILE B 354 18.58 -14.78 -21.70
N PRO B 355 18.15 -15.82 -20.96
CA PRO B 355 17.63 -17.05 -21.56
C PRO B 355 16.22 -16.89 -22.12
N PHE B 356 16.06 -16.00 -23.09
CA PHE B 356 14.76 -15.76 -23.70
C PHE B 356 14.16 -17.02 -24.28
N ASP B 357 15.00 -17.95 -24.73
CA ASP B 357 14.50 -19.19 -25.30
C ASP B 357 13.72 -19.96 -24.24
N ARG B 358 14.25 -20.02 -23.02
CA ARG B 358 13.55 -20.72 -21.94
C ARG B 358 12.31 -19.97 -21.51
N ILE B 359 12.40 -18.64 -21.46
CA ILE B 359 11.26 -17.83 -21.04
C ILE B 359 10.10 -18.03 -22.02
N ALA B 360 10.39 -17.94 -23.32
CA ALA B 360 9.35 -18.12 -24.32
C ALA B 360 8.79 -19.55 -24.25
N GLY B 361 9.66 -20.53 -24.04
CA GLY B 361 9.20 -21.90 -23.96
C GLY B 361 8.29 -22.09 -22.76
N PHE B 362 8.67 -21.45 -21.66
CA PHE B 362 7.90 -21.51 -20.42
C PHE B 362 6.49 -20.98 -20.66
N PHE B 363 6.39 -19.79 -21.22
CA PHE B 363 5.08 -19.19 -21.49
C PHE B 363 4.31 -19.90 -22.61
N ASP B 364 5.01 -20.41 -23.62
CA ASP B 364 4.31 -21.11 -24.69
C ASP B 364 3.55 -22.28 -24.08
N GLU B 365 4.21 -23.00 -23.18
CA GLU B 365 3.60 -24.15 -22.54
C GLU B 365 2.51 -23.82 -21.54
N HIS B 366 2.77 -22.87 -20.63
CA HIS B 366 1.79 -22.54 -19.62
C HIS B 366 0.72 -21.51 -19.97
N LEU B 367 0.84 -20.88 -21.14
CA LEU B 367 -0.16 -19.90 -21.57
C LEU B 367 -0.99 -20.43 -22.72
#